data_5EU3
#
_entry.id   5EU3
#
_cell.length_a   52.810
_cell.length_b   80.370
_cell.length_c   56.060
_cell.angle_alpha   90.000
_cell.angle_beta   112.790
_cell.angle_gamma   90.000
#
_symmetry.space_group_name_H-M   'P 1 21 1'
#
loop_
_entity.id
_entity.type
_entity.pdbx_description
1 polymer 'HLA class I histocompatibility antigen, A-2 alpha chain'
2 polymer Beta-2-microglobulin
3 polymer 'GP100 peptide YLEPGPVTA'
4 non-polymer 1,2-ETHANEDIOL
5 non-polymer GLYCEROL
6 water water
#
loop_
_entity_poly.entity_id
_entity_poly.type
_entity_poly.pdbx_seq_one_letter_code
_entity_poly.pdbx_strand_id
1 'polypeptide(L)'
;GSHSMRYFFTSVSRPGRGEPRFIAVGYVDDTQFVRFDSDAASQRMEPRAPWIEQEGPEYWDGETRKVKAHSQTHRVDLGT
LRGYYNQSEAGSHTVQRMYGCDVGSDWRFLRGYHQYAYDGKDYIALKEDLRSWTAADMAAQTTKHKWEAAHVAEQLRAYL
EGTCVEWLRRYLENGKETLQRTDAPKTHMTHHAVSDHEATLRCWALSFYPAEITLTWQRDGEDQTQDTELVETRPAGDGT
FQKWAAVVVPSGQEQRYTCHVQHEGLPKPLTLRWEP
;
A
2 'polypeptide(L)'
;MIQRTPKIQVYSRHPAENGKSNFLNCYVSGFHPSDIEVDLLKNGERIEKVEHSDLSFSKDWSFYLLYYTEFTPTEKDEYA
CRVNHVTLSQPKIVKWDRDM
;
B
3 'polypeptide(L)' YLEPGPVTA C
#
# COMPACT_ATOMS: atom_id res chain seq x y z
N GLY A 1 -15.78 -11.84 -7.30
CA GLY A 1 -14.84 -10.75 -7.15
C GLY A 1 -13.74 -10.96 -8.13
N SER A 2 -13.22 -9.83 -8.59
CA SER A 2 -11.98 -9.74 -9.31
C SER A 2 -10.78 -9.98 -8.37
N HIS A 3 -9.65 -10.24 -8.98
CA HIS A 3 -8.42 -10.45 -8.26
C HIS A 3 -7.29 -9.92 -9.09
N SER A 4 -6.16 -9.77 -8.47
CA SER A 4 -5.07 -9.15 -9.15
C SER A 4 -3.79 -9.70 -8.55
N MET A 5 -2.76 -9.77 -9.38
CA MET A 5 -1.42 -10.02 -8.93
C MET A 5 -0.60 -8.82 -9.34
N ARG A 6 0.13 -8.29 -8.38
CA ARG A 6 0.90 -7.07 -8.62
C ARG A 6 2.24 -7.09 -7.96
N TYR A 7 3.25 -6.67 -8.71
CA TYR A 7 4.57 -6.47 -8.13
C TYR A 7 4.99 -5.02 -8.11
N PHE A 8 5.69 -4.61 -7.05
CA PHE A 8 6.11 -3.26 -6.86
C PHE A 8 7.61 -3.29 -6.57
N PHE A 9 8.36 -2.41 -7.25
CA PHE A 9 9.81 -2.34 -7.22
C PHE A 9 10.22 -0.91 -6.95
N THR A 10 11.07 -0.69 -5.98
CA THR A 10 11.64 0.60 -5.75
C THR A 10 13.16 0.47 -5.72
N SER A 11 13.87 1.30 -6.47
CA SER A 11 15.32 1.45 -6.31
C SER A 11 15.63 2.90 -5.97
N VAL A 12 16.54 3.10 -5.04
CA VAL A 12 16.98 4.39 -4.55
C VAL A 12 18.52 4.42 -4.58
N SER A 13 19.05 5.21 -5.53
CA SER A 13 20.50 5.28 -5.68
C SER A 13 21.13 5.80 -4.41
N ARG A 14 22.41 5.43 -4.21
CA ARG A 14 23.16 5.74 -2.99
C ARG A 14 24.43 6.40 -3.42
N PRO A 15 24.42 7.73 -3.59
CA PRO A 15 25.54 8.49 -4.19
C PRO A 15 26.92 8.16 -3.70
N GLY A 16 27.12 8.00 -2.43
CA GLY A 16 28.55 7.85 -2.08
C GLY A 16 29.27 6.56 -2.53
N ARG A 17 28.52 5.49 -2.73
CA ARG A 17 29.13 4.18 -2.72
C ARG A 17 28.07 3.14 -2.92
N GLY A 18 28.29 2.27 -3.87
CA GLY A 18 27.54 1.01 -3.91
C GLY A 18 26.33 1.17 -4.78
N GLU A 19 25.65 0.06 -4.88
CA GLU A 19 24.50 -0.10 -5.66
C GLU A 19 23.26 0.51 -4.98
N PRO A 20 22.18 0.67 -5.74
CA PRO A 20 20.96 1.16 -5.17
C PRO A 20 20.33 0.23 -4.11
N ARG A 21 19.66 0.81 -3.15
CA ARG A 21 18.76 0.06 -2.29
C ARG A 21 17.63 -0.36 -3.20
N PHE A 22 17.32 -1.63 -3.16
CA PHE A 22 16.25 -2.18 -3.97
C PHE A 22 15.28 -2.96 -3.09
N ILE A 23 13.98 -2.67 -3.22
CA ILE A 23 12.96 -3.37 -2.53
C ILE A 23 11.88 -3.73 -3.52
N ALA A 24 11.53 -5.00 -3.51
CA ALA A 24 10.43 -5.59 -4.33
C ALA A 24 9.41 -6.30 -3.48
N VAL A 25 8.13 -6.04 -3.74
CA VAL A 25 7.06 -6.75 -3.05
C VAL A 25 6.06 -7.23 -4.08
N GLY A 26 5.58 -8.43 -3.87
CA GLY A 26 4.51 -9.10 -4.67
C GLY A 26 3.21 -9.16 -3.83
N TYR A 27 2.09 -8.83 -4.47
CA TYR A 27 0.78 -8.93 -3.84
C TYR A 27 -0.16 -9.79 -4.70
N VAL A 28 -0.99 -10.56 -4.04
CA VAL A 28 -2.19 -11.13 -4.62
C VAL A 28 -3.29 -10.40 -3.92
N ASP A 29 -4.07 -9.62 -4.66
CA ASP A 29 -5.11 -8.75 -4.09
C ASP A 29 -4.48 -7.87 -3.06
N ASP A 30 -5.02 -7.78 -1.86
CA ASP A 30 -4.37 -6.92 -0.88
C ASP A 30 -3.38 -7.70 0.02
N THR A 31 -2.89 -8.84 -0.45
CA THR A 31 -2.11 -9.74 0.43
C THR A 31 -0.69 -9.80 -0.10
N GLN A 32 0.26 -9.33 0.71
CA GLN A 32 1.64 -9.40 0.39
C GLN A 32 2.07 -10.83 0.40
N PHE A 33 2.74 -11.30 -0.64
CA PHE A 33 3.14 -12.74 -0.57
C PHE A 33 4.63 -13.04 -0.66
N VAL A 34 5.39 -12.10 -1.23
CA VAL A 34 6.77 -12.22 -1.39
C VAL A 34 7.40 -10.85 -1.20
N ARG A 35 8.68 -10.87 -0.86
CA ARG A 35 9.49 -9.68 -0.82
C ARG A 35 10.95 -9.99 -1.19
N PHE A 36 11.64 -8.92 -1.68
CA PHE A 36 13.10 -8.91 -1.72
C PHE A 36 13.58 -7.58 -1.27
N ASP A 37 14.58 -7.56 -0.42
CA ASP A 37 15.19 -6.30 0.03
C ASP A 37 16.70 -6.47 -0.14
N SER A 38 17.32 -5.62 -0.96
CA SER A 38 18.75 -5.68 -1.17
C SER A 38 19.53 -5.50 0.10
N ASP A 39 18.91 -4.92 1.14
CA ASP A 39 19.57 -4.78 2.46
C ASP A 39 19.46 -6.04 3.34
N ALA A 40 18.58 -6.99 3.07
CA ALA A 40 18.49 -8.20 3.87
C ALA A 40 19.63 -9.20 3.51
N ALA A 41 19.97 -10.03 4.48
CA ALA A 41 21.12 -10.92 4.42
C ALA A 41 20.88 -12.11 3.47
N SER A 42 19.67 -12.61 3.38
CA SER A 42 19.40 -13.83 2.60
C SER A 42 19.74 -13.63 1.13
N GLN A 43 19.49 -12.44 0.58
CA GLN A 43 19.61 -12.18 -0.86
C GLN A 43 18.76 -13.21 -1.68
N ARG A 44 17.57 -13.51 -1.18
CA ARG A 44 16.64 -14.35 -1.88
C ARG A 44 15.27 -13.75 -1.81
N MET A 45 14.43 -14.10 -2.76
CA MET A 45 13.01 -13.73 -2.66
C MET A 45 12.54 -14.48 -1.44
N GLU A 46 11.84 -13.81 -0.53
CA GLU A 46 11.35 -14.43 0.68
C GLU A 46 9.82 -14.51 0.71
N PRO A 47 9.26 -15.62 1.25
CA PRO A 47 7.82 -15.77 1.43
C PRO A 47 7.30 -14.83 2.49
N ARG A 48 6.14 -14.21 2.24
CA ARG A 48 5.42 -13.43 3.26
C ARG A 48 3.95 -13.88 3.53
N ALA A 49 3.49 -14.92 2.86
CA ALA A 49 2.23 -15.51 3.18
C ALA A 49 2.54 -16.97 3.42
N PRO A 50 1.74 -17.68 4.26
CA PRO A 50 1.99 -19.07 4.47
C PRO A 50 1.77 -19.93 3.22
N TRP A 51 0.80 -19.58 2.36
CA TRP A 51 0.46 -20.42 1.19
C TRP A 51 1.50 -20.44 0.05
N ILE A 52 2.45 -19.52 0.06
CA ILE A 52 3.54 -19.50 -0.95
C ILE A 52 4.71 -20.39 -0.54
N GLU A 53 4.77 -20.76 0.72
CA GLU A 53 5.80 -21.68 1.20
C GLU A 53 5.57 -23.09 0.66
N GLN A 54 4.39 -23.41 0.18
CA GLN A 54 4.18 -24.63 -0.61
C GLN A 54 5.15 -24.73 -1.81
N GLU A 55 5.58 -23.61 -2.40
CA GLU A 55 6.36 -23.71 -3.63
C GLU A 55 7.77 -24.23 -3.35
N GLY A 56 8.30 -24.97 -4.31
CA GLY A 56 9.55 -25.67 -4.16
C GLY A 56 10.76 -24.80 -4.41
N PRO A 57 11.94 -25.31 -4.02
CA PRO A 57 13.17 -24.54 -4.16
C PRO A 57 13.41 -24.08 -5.60
N GLU A 58 12.89 -24.73 -6.65
CA GLU A 58 12.98 -24.18 -8.05
C GLU A 58 12.23 -22.89 -8.33
N TYR A 59 11.06 -22.79 -7.71
CA TYR A 59 10.31 -21.55 -7.68
C TYR A 59 11.18 -20.50 -7.01
N TRP A 60 11.66 -20.78 -5.81
CA TRP A 60 12.50 -19.76 -5.10
C TRP A 60 13.76 -19.37 -5.90
N ASP A 61 14.37 -20.32 -6.58
CA ASP A 61 15.54 -20.06 -7.37
C ASP A 61 15.18 -19.15 -8.49
N GLY A 62 14.10 -19.47 -9.20
CA GLY A 62 13.64 -18.72 -10.36
C GLY A 62 13.21 -17.32 -9.96
N GLU A 63 12.56 -17.17 -8.80
CA GLU A 63 12.13 -15.87 -8.39
C GLU A 63 13.28 -15.04 -7.93
N THR A 64 14.22 -15.62 -7.21
CA THR A 64 15.44 -14.89 -6.86
C THR A 64 16.24 -14.37 -8.12
N ARG A 65 16.50 -15.23 -9.09
CA ARG A 65 17.16 -14.88 -10.34
C ARG A 65 16.47 -13.70 -11.02
N LYS A 66 15.15 -13.78 -11.17
CA LYS A 66 14.38 -12.76 -11.84
C LYS A 66 14.40 -11.46 -11.10
N VAL A 67 14.21 -11.54 -9.79
CA VAL A 67 14.16 -10.35 -9.01
C VAL A 67 15.53 -9.64 -9.00
N LYS A 68 16.64 -10.39 -9.01
CA LYS A 68 17.92 -9.73 -9.13
C LYS A 68 18.09 -9.14 -10.53
N ALA A 69 17.59 -9.82 -11.56
CA ALA A 69 17.55 -9.15 -12.88
C ALA A 69 16.83 -7.81 -12.85
N HIS A 70 15.70 -7.70 -12.12
CA HIS A 70 14.99 -6.46 -11.99
C HIS A 70 15.90 -5.44 -11.30
N SER A 71 16.56 -5.84 -10.21
CA SER A 71 17.40 -4.90 -9.53
C SER A 71 18.48 -4.36 -10.47
N GLN A 72 19.11 -5.24 -11.24
CA GLN A 72 20.10 -4.79 -12.16
C GLN A 72 19.55 -3.86 -13.25
N THR A 73 18.33 -4.08 -13.74
CA THR A 73 17.76 -3.15 -14.74
C THR A 73 17.57 -1.77 -14.14
N HIS A 74 17.08 -1.71 -12.91
CA HIS A 74 16.93 -0.46 -12.27
C HIS A 74 18.25 0.24 -12.00
N ARG A 75 19.27 -0.53 -11.59
CA ARG A 75 20.59 0.05 -11.33
C ARG A 75 21.04 0.77 -12.61
N VAL A 76 20.89 0.10 -13.74
CA VAL A 76 21.28 0.66 -15.02
C VAL A 76 20.42 1.89 -15.39
N ASP A 77 19.10 1.75 -15.22
CA ASP A 77 18.20 2.82 -15.50
C ASP A 77 18.49 4.09 -14.67
N LEU A 78 18.78 3.94 -13.38
CA LEU A 78 19.17 5.08 -12.59
C LEU A 78 20.37 5.84 -13.22
N GLY A 79 21.35 5.11 -13.69
CA GLY A 79 22.42 5.72 -14.45
C GLY A 79 22.03 6.35 -15.78
N THR A 80 21.25 5.65 -16.58
CA THR A 80 20.80 6.18 -17.87
C THR A 80 19.95 7.42 -17.72
N LEU A 81 18.98 7.34 -16.81
CA LEU A 81 18.04 8.44 -16.59
C LEU A 81 18.69 9.68 -16.00
N ARG A 82 19.59 9.49 -15.05
CA ARG A 82 20.46 10.57 -14.58
C ARG A 82 21.10 11.34 -15.73
N GLY A 83 21.67 10.63 -16.68
CA GLY A 83 22.27 11.22 -17.85
C GLY A 83 21.24 11.86 -18.72
N TYR A 84 20.11 11.19 -18.95
CA TYR A 84 19.02 11.77 -19.76
C TYR A 84 18.54 13.06 -19.21
N TYR A 85 18.54 13.22 -17.89
CA TYR A 85 18.01 14.38 -17.25
C TYR A 85 19.12 15.35 -16.92
N ASN A 86 20.33 15.08 -17.38
CA ASN A 86 21.44 15.94 -17.12
C ASN A 86 21.64 16.20 -15.60
N GLN A 87 21.54 15.18 -14.80
CA GLN A 87 21.63 15.36 -13.37
C GLN A 87 23.05 15.06 -12.86
N SER A 88 23.45 15.66 -11.74
CA SER A 88 24.75 15.32 -11.14
C SER A 88 24.74 13.93 -10.46
N GLU A 89 25.92 13.50 -10.03
CA GLU A 89 26.08 12.32 -9.15
C GLU A 89 25.77 12.59 -7.66
N ALA A 90 25.55 13.84 -7.24
CA ALA A 90 25.37 14.16 -5.81
C ALA A 90 24.04 13.67 -5.20
N GLY A 91 22.99 13.63 -6.02
CA GLY A 91 21.64 13.43 -5.54
C GLY A 91 21.23 11.97 -5.58
N SER A 92 20.46 11.56 -4.61
CA SER A 92 19.79 10.28 -4.65
C SER A 92 18.60 10.43 -5.59
N HIS A 93 18.35 9.42 -6.37
CA HIS A 93 17.20 9.35 -7.25
C HIS A 93 16.51 8.03 -7.06
N THR A 94 15.26 7.95 -7.51
CA THR A 94 14.40 6.82 -7.34
C THR A 94 13.82 6.42 -8.66
N VAL A 95 13.81 5.12 -8.90
CA VAL A 95 13.01 4.52 -9.92
C VAL A 95 11.98 3.63 -9.21
N GLN A 96 10.73 3.68 -9.70
CA GLN A 96 9.63 2.79 -9.21
C GLN A 96 8.99 2.13 -10.39
N ARG A 97 8.74 0.83 -10.26
CA ARG A 97 8.06 0.02 -11.29
C ARG A 97 6.91 -0.71 -10.63
N MET A 98 5.80 -0.87 -11.35
CA MET A 98 4.66 -1.64 -10.89
C MET A 98 4.12 -2.32 -12.10
N TYR A 99 3.92 -3.62 -12.01
CA TYR A 99 3.17 -4.30 -13.05
C TYR A 99 2.31 -5.39 -12.51
N GLY A 100 1.40 -5.85 -13.36
CA GLY A 100 0.59 -7.00 -12.95
C GLY A 100 -0.67 -7.17 -13.76
N CYS A 101 -1.54 -8.05 -13.29
CA CYS A 101 -2.70 -8.42 -14.07
C CYS A 101 -3.85 -8.47 -13.14
N ASP A 102 -5.02 -8.08 -13.63
CA ASP A 102 -6.25 -8.33 -12.99
C ASP A 102 -7.04 -9.39 -13.75
N VAL A 103 -7.82 -10.18 -13.00
CA VAL A 103 -8.81 -11.09 -13.59
C VAL A 103 -10.18 -10.82 -12.99
N GLY A 104 -11.24 -11.15 -13.73
CA GLY A 104 -12.57 -10.89 -13.23
C GLY A 104 -12.99 -12.00 -12.26
N SER A 105 -14.29 -12.02 -11.96
CA SER A 105 -14.88 -13.10 -11.18
C SER A 105 -14.73 -14.52 -11.74
N ASP A 106 -14.63 -14.66 -13.07
CA ASP A 106 -14.35 -15.95 -13.68
C ASP A 106 -12.88 -16.29 -13.66
N TRP A 107 -12.05 -15.39 -13.14
CA TRP A 107 -10.59 -15.56 -13.15
C TRP A 107 -10.00 -15.54 -14.56
N ARG A 108 -10.69 -14.92 -15.52
CA ARG A 108 -10.14 -14.69 -16.83
C ARG A 108 -9.59 -13.28 -16.91
N PHE A 109 -8.59 -13.17 -17.76
CA PHE A 109 -7.80 -11.98 -17.88
C PHE A 109 -8.72 -10.78 -18.09
N LEU A 110 -8.46 -9.73 -17.36
CA LEU A 110 -9.22 -8.53 -17.48
C LEU A 110 -8.41 -7.36 -18.02
N ARG A 111 -7.24 -7.15 -17.44
CA ARG A 111 -6.48 -5.92 -17.58
C ARG A 111 -5.03 -6.30 -17.23
N GLY A 112 -4.06 -5.78 -17.96
CA GLY A 112 -2.66 -5.80 -17.46
C GLY A 112 -2.08 -4.43 -17.53
N TYR A 113 -0.95 -4.23 -16.87
CA TYR A 113 -0.39 -2.93 -16.70
C TYR A 113 1.08 -3.08 -16.35
N HIS A 114 1.84 -2.05 -16.65
CA HIS A 114 3.28 -2.04 -16.44
C HIS A 114 3.66 -0.56 -16.52
N GLN A 115 4.01 0.02 -15.39
CA GLN A 115 4.26 1.46 -15.27
C GLN A 115 5.57 1.67 -14.57
N TYR A 116 6.22 2.78 -14.93
CA TYR A 116 7.57 3.12 -14.47
C TYR A 116 7.63 4.60 -14.18
N ALA A 117 8.30 4.96 -13.10
CA ALA A 117 8.41 6.32 -12.70
C ALA A 117 9.85 6.58 -12.33
N TYR A 118 10.25 7.82 -12.56
CA TYR A 118 11.51 8.36 -12.13
C TYR A 118 11.25 9.53 -11.20
N ASP A 119 11.88 9.49 -10.03
CA ASP A 119 11.71 10.48 -8.99
C ASP A 119 10.26 10.78 -8.73
N GLY A 120 9.44 9.76 -8.70
CA GLY A 120 8.06 9.96 -8.20
C GLY A 120 7.08 10.47 -9.27
N LYS A 121 7.54 10.63 -10.51
CA LYS A 121 6.70 11.03 -11.62
C LYS A 121 6.69 9.99 -12.75
N ASP A 122 5.61 10.00 -13.48
CA ASP A 122 5.42 9.11 -14.60
C ASP A 122 6.61 9.25 -15.52
N TYR A 123 7.15 8.12 -15.93
CA TYR A 123 8.20 8.08 -16.93
C TYR A 123 7.57 7.42 -18.15
N ILE A 124 7.31 6.14 -18.04
CA ILE A 124 6.66 5.39 -19.10
C ILE A 124 5.70 4.31 -18.57
N ALA A 125 4.64 4.04 -19.36
CA ALA A 125 3.64 3.06 -19.00
C ALA A 125 3.15 2.36 -20.22
N LEU A 126 2.80 1.09 -20.03
CA LEU A 126 2.21 0.31 -21.09
C LEU A 126 0.76 0.78 -21.19
N LYS A 127 0.25 0.96 -22.39
CA LYS A 127 -1.15 1.31 -22.57
C LYS A 127 -2.05 0.11 -22.36
N GLU A 128 -3.35 0.39 -22.22
CA GLU A 128 -4.37 -0.61 -21.91
C GLU A 128 -4.37 -1.80 -22.85
N ASP A 129 -4.32 -1.54 -24.16
CA ASP A 129 -4.22 -2.60 -25.22
C ASP A 129 -2.94 -3.44 -25.08
N LEU A 130 -2.00 -3.02 -24.22
CA LEU A 130 -0.71 -3.72 -24.08
C LEU A 130 0.06 -3.88 -25.39
N ARG A 131 -0.21 -3.01 -26.37
CA ARG A 131 0.53 -3.03 -27.62
C ARG A 131 1.41 -1.80 -27.86
N SER A 132 1.26 -0.71 -27.10
CA SER A 132 2.12 0.49 -27.29
C SER A 132 2.32 1.20 -25.96
N TRP A 133 2.97 2.36 -25.96
CA TRP A 133 3.49 2.90 -24.74
C TRP A 133 3.09 4.34 -24.60
N THR A 134 3.03 4.82 -23.35
CA THR A 134 2.79 6.22 -23.05
C THR A 134 4.03 6.76 -22.37
N ALA A 135 4.71 7.68 -23.05
CA ALA A 135 5.92 8.28 -22.56
C ALA A 135 5.60 9.69 -22.12
N ALA A 136 5.90 10.08 -20.89
CA ALA A 136 5.50 11.39 -20.37
C ALA A 136 6.29 12.63 -20.90
N ASP A 137 7.54 12.38 -21.30
CA ASP A 137 8.46 13.39 -21.77
C ASP A 137 9.44 12.81 -22.82
N MET A 138 10.39 13.62 -23.22
CA MET A 138 11.30 13.24 -24.32
C MET A 138 12.35 12.20 -23.97
N ALA A 139 12.81 12.14 -22.71
CA ALA A 139 13.61 11.05 -22.24
C ALA A 139 12.86 9.71 -22.39
N ALA A 140 11.66 9.69 -21.85
CA ALA A 140 10.80 8.52 -21.94
C ALA A 140 10.49 8.21 -23.39
N GLN A 141 10.41 9.22 -24.24
CA GLN A 141 10.21 8.97 -25.67
C GLN A 141 11.37 8.16 -26.24
N THR A 142 12.60 8.43 -25.76
CA THR A 142 13.80 7.69 -26.22
C THR A 142 13.74 6.23 -25.77
N THR A 143 13.32 6.03 -24.51
CA THR A 143 13.05 4.71 -23.98
C THR A 143 11.96 3.98 -24.78
N LYS A 144 10.88 4.67 -25.12
CA LYS A 144 9.81 4.06 -25.88
C LYS A 144 10.33 3.49 -27.25
N HIS A 145 11.14 4.27 -27.94
CA HIS A 145 11.67 3.86 -29.24
C HIS A 145 12.53 2.60 -29.09
N LYS A 146 13.33 2.54 -28.03
CA LYS A 146 14.20 1.38 -27.75
C LYS A 146 13.32 0.16 -27.55
N TRP A 147 12.31 0.32 -26.75
CA TRP A 147 11.42 -0.78 -26.39
C TRP A 147 10.50 -1.20 -27.55
N GLU A 148 10.15 -0.24 -28.39
CA GLU A 148 9.52 -0.57 -29.65
C GLU A 148 10.42 -1.40 -30.57
N ALA A 149 11.68 -0.99 -30.76
CA ALA A 149 12.50 -1.74 -31.73
C ALA A 149 12.83 -3.09 -31.14
N ALA A 150 12.91 -3.19 -29.83
CA ALA A 150 13.08 -4.47 -29.13
C ALA A 150 11.79 -5.28 -28.82
N HIS A 151 10.64 -4.92 -29.39
CA HIS A 151 9.39 -5.63 -29.22
C HIS A 151 9.14 -6.01 -27.75
N VAL A 152 9.32 -5.05 -26.86
CA VAL A 152 9.14 -5.30 -25.48
C VAL A 152 7.67 -5.49 -25.12
N ALA A 153 6.76 -4.78 -25.80
CA ALA A 153 5.36 -4.77 -25.41
C ALA A 153 4.82 -6.16 -25.67
N GLU A 154 5.32 -6.79 -26.73
CA GLU A 154 4.87 -8.10 -27.12
C GLU A 154 5.26 -9.15 -26.11
N GLN A 155 6.45 -9.02 -25.56
CA GLN A 155 6.88 -9.98 -24.58
C GLN A 155 6.04 -9.75 -23.30
N LEU A 156 5.81 -8.49 -22.97
CA LEU A 156 5.04 -8.18 -21.79
C LEU A 156 3.59 -8.62 -21.89
N ARG A 157 3.00 -8.42 -23.05
CA ARG A 157 1.67 -8.88 -23.36
C ARG A 157 1.56 -10.40 -23.16
N ALA A 158 2.51 -11.14 -23.70
CA ALA A 158 2.54 -12.58 -23.50
C ALA A 158 2.51 -12.92 -22.00
N TYR A 159 3.32 -12.21 -21.21
CA TYR A 159 3.39 -12.48 -19.78
C TYR A 159 2.09 -12.04 -19.03
N LEU A 160 1.70 -10.79 -19.20
CA LEU A 160 0.50 -10.24 -18.56
C LEU A 160 -0.79 -11.03 -18.91
N GLU A 161 -0.94 -11.40 -20.16
CA GLU A 161 -2.08 -12.22 -20.58
C GLU A 161 -1.96 -13.69 -20.27
N GLY A 162 -0.74 -14.21 -20.27
CA GLY A 162 -0.51 -15.64 -20.13
C GLY A 162 -0.09 -16.03 -18.73
N THR A 163 1.20 -16.00 -18.54
CA THR A 163 1.84 -16.37 -17.31
C THR A 163 1.30 -15.72 -16.05
N CYS A 164 1.06 -14.44 -16.10
CA CYS A 164 0.65 -13.70 -14.92
C CYS A 164 -0.66 -14.27 -14.43
N VAL A 165 -1.61 -14.42 -15.33
CA VAL A 165 -2.91 -14.90 -14.93
C VAL A 165 -2.84 -16.35 -14.50
N GLU A 166 -1.98 -17.11 -15.15
CA GLU A 166 -1.85 -18.53 -14.85
C GLU A 166 -1.38 -18.77 -13.42
N TRP A 167 -0.39 -18.01 -12.99
CA TRP A 167 0.14 -18.13 -11.66
C TRP A 167 -0.78 -17.47 -10.64
N LEU A 168 -1.47 -16.39 -11.02
CA LEU A 168 -2.49 -15.84 -10.14
C LEU A 168 -3.51 -16.91 -9.78
N ARG A 169 -4.03 -17.60 -10.78
N ARG A 169 -4.03 -17.56 -10.82
CA ARG A 169 -5.00 -18.63 -10.52
CA ARG A 169 -4.91 -18.73 -10.72
C ARG A 169 -4.41 -19.74 -9.63
C ARG A 169 -4.40 -19.72 -9.66
N ARG A 170 -3.15 -20.09 -9.84
CA ARG A 170 -2.52 -21.08 -9.01
C ARG A 170 -2.49 -20.61 -7.58
N TYR A 171 -2.14 -19.36 -7.38
CA TYR A 171 -2.06 -18.80 -6.05
C TYR A 171 -3.40 -18.73 -5.33
N LEU A 172 -4.45 -18.28 -6.03
CA LEU A 172 -5.81 -18.25 -5.53
C LEU A 172 -6.28 -19.63 -5.07
N GLU A 173 -5.90 -20.68 -5.82
CA GLU A 173 -6.18 -22.09 -5.46
C GLU A 173 -5.40 -22.52 -4.24
N ASN A 174 -4.09 -22.44 -4.31
CA ASN A 174 -3.24 -22.74 -3.18
C ASN A 174 -3.46 -21.90 -1.89
N GLY A 175 -3.81 -20.61 -2.02
CA GLY A 175 -4.09 -19.80 -0.84
C GLY A 175 -5.57 -19.66 -0.54
N LYS A 176 -6.38 -20.60 -1.02
CA LYS A 176 -7.80 -20.36 -1.06
C LYS A 176 -8.38 -20.06 0.32
N GLU A 177 -7.86 -20.72 1.34
CA GLU A 177 -8.44 -20.57 2.65
C GLU A 177 -8.51 -19.12 3.08
N THR A 178 -7.50 -18.33 2.74
CA THR A 178 -7.52 -16.88 3.01
C THR A 178 -7.79 -16.01 1.85
N LEU A 179 -7.15 -16.30 0.74
CA LEU A 179 -7.30 -15.51 -0.43
C LEU A 179 -8.68 -15.58 -1.07
N GLN A 180 -9.39 -16.68 -0.98
CA GLN A 180 -10.77 -16.67 -1.53
C GLN A 180 -11.79 -16.36 -0.43
N ARG A 181 -11.34 -15.95 0.75
CA ARG A 181 -12.27 -15.60 1.84
C ARG A 181 -12.44 -14.09 1.85
N THR A 182 -13.67 -13.62 1.99
CA THR A 182 -13.87 -12.24 2.27
C THR A 182 -14.25 -12.13 3.73
N ASP A 183 -13.71 -11.10 4.39
CA ASP A 183 -14.00 -10.80 5.80
C ASP A 183 -14.82 -9.52 5.75
N ALA A 184 -16.12 -9.61 6.00
CA ALA A 184 -16.98 -8.40 6.09
C ALA A 184 -16.49 -7.48 7.16
N PRO A 185 -16.70 -6.18 6.99
CA PRO A 185 -16.27 -5.30 8.06
C PRO A 185 -17.12 -5.48 9.33
N LYS A 186 -16.45 -5.34 10.47
CA LYS A 186 -17.05 -5.28 11.80
C LYS A 186 -17.29 -3.81 12.08
N THR A 187 -18.56 -3.44 12.21
CA THR A 187 -18.90 -2.04 12.37
C THR A 187 -19.48 -1.65 13.67
N HIS A 188 -19.31 -0.37 14.01
CA HIS A 188 -19.99 0.25 15.11
C HIS A 188 -19.86 1.74 14.99
N MET A 189 -20.55 2.48 15.84
CA MET A 189 -20.53 3.91 15.76
C MET A 189 -20.15 4.43 17.07
N THR A 190 -19.35 5.47 17.11
CA THR A 190 -19.12 6.17 18.37
C THR A 190 -19.67 7.58 18.31
N HIS A 191 -19.73 8.21 19.46
CA HIS A 191 -20.27 9.55 19.60
C HIS A 191 -19.35 10.39 20.48
N HIS A 192 -19.09 11.64 20.11
CA HIS A 192 -18.17 12.53 20.88
C HIS A 192 -18.78 13.90 20.86
N ALA A 193 -18.87 14.53 22.02
CA ALA A 193 -19.54 15.77 22.14
C ALA A 193 -18.47 16.86 22.07
N VAL A 194 -18.50 17.65 21.01
CA VAL A 194 -17.52 18.74 20.86
C VAL A 194 -17.80 19.93 21.82
N SER A 195 -19.02 20.42 21.74
CA SER A 195 -19.52 21.53 22.53
C SER A 195 -20.95 21.15 22.92
N ASP A 196 -21.70 22.13 23.38
CA ASP A 196 -23.04 21.97 23.88
C ASP A 196 -24.04 21.77 22.71
N HIS A 197 -23.65 22.17 21.50
CA HIS A 197 -24.53 22.17 20.34
C HIS A 197 -24.04 21.29 19.18
N GLU A 198 -22.83 20.76 19.26
CA GLU A 198 -22.16 20.07 18.15
C GLU A 198 -21.69 18.69 18.66
N ALA A 199 -22.04 17.63 17.94
CA ALA A 199 -21.55 16.25 18.21
C ALA A 199 -20.91 15.62 16.98
N THR A 200 -19.91 14.74 17.20
CA THR A 200 -19.34 13.97 16.10
C THR A 200 -19.80 12.50 16.13
N LEU A 201 -20.33 12.01 15.03
CA LEU A 201 -20.59 10.59 14.91
C LEU A 201 -19.52 9.98 14.03
N ARG A 202 -18.86 8.91 14.53
CA ARG A 202 -17.86 8.17 13.74
C ARG A 202 -18.34 6.73 13.49
N CYS A 203 -18.38 6.33 12.24
CA CYS A 203 -18.83 5.03 11.83
C CYS A 203 -17.54 4.26 11.51
N TRP A 204 -17.27 3.20 12.27
CA TRP A 204 -16.03 2.43 12.11
C TRP A 204 -16.25 1.14 11.36
N ALA A 205 -15.32 0.75 10.52
CA ALA A 205 -15.32 -0.53 9.86
C ALA A 205 -13.92 -1.15 10.13
N LEU A 206 -13.89 -2.24 10.88
CA LEU A 206 -12.69 -2.91 11.19
C LEU A 206 -12.66 -4.28 10.58
N SER A 207 -11.45 -4.79 10.40
CA SER A 207 -11.23 -6.24 10.23
C SER A 207 -11.76 -6.78 8.94
N PHE A 208 -11.75 -5.94 7.93
CA PHE A 208 -12.30 -6.35 6.64
C PHE A 208 -11.17 -6.63 5.68
N TYR A 209 -11.47 -7.48 4.73
CA TYR A 209 -10.62 -7.89 3.64
C TYR A 209 -11.59 -8.28 2.49
N PRO A 210 -11.41 -7.77 1.26
CA PRO A 210 -10.26 -6.95 0.88
C PRO A 210 -10.39 -5.50 1.34
N ALA A 211 -9.40 -4.68 0.93
CA ALA A 211 -9.30 -3.27 1.33
C ALA A 211 -10.41 -2.43 0.77
N GLU A 212 -10.93 -2.75 -0.40
CA GLU A 212 -11.96 -1.90 -1.06
C GLU A 212 -13.20 -1.79 -0.17
N ILE A 213 -13.65 -0.59 0.14
CA ILE A 213 -14.86 -0.41 0.94
C ILE A 213 -15.46 0.96 0.69
N THR A 214 -16.76 1.15 0.92
CA THR A 214 -17.35 2.49 0.86
C THR A 214 -18.11 2.78 2.09
N LEU A 215 -17.76 3.86 2.74
CA LEU A 215 -18.50 4.37 3.86
C LEU A 215 -19.10 5.67 3.44
N THR A 216 -20.39 5.85 3.67
CA THR A 216 -20.96 7.14 3.39
C THR A 216 -22.07 7.40 4.40
N TRP A 217 -22.25 8.69 4.64
CA TRP A 217 -23.29 9.19 5.49
C TRP A 217 -24.48 9.72 4.72
N GLN A 218 -25.67 9.54 5.32
CA GLN A 218 -26.84 10.17 4.85
C GLN A 218 -27.50 10.90 6.00
N ARG A 219 -28.26 11.91 5.65
CA ARG A 219 -29.11 12.66 6.56
C ARG A 219 -30.52 12.59 5.99
N ASP A 220 -31.48 12.11 6.80
CA ASP A 220 -32.86 11.87 6.36
C ASP A 220 -32.97 11.14 5.01
N GLY A 221 -32.03 10.22 4.76
CA GLY A 221 -32.02 9.40 3.57
C GLY A 221 -31.39 10.03 2.35
N GLU A 222 -30.67 11.14 2.48
CA GLU A 222 -29.84 11.53 1.35
C GLU A 222 -28.42 11.86 1.71
N ASP A 223 -27.59 11.77 0.69
CA ASP A 223 -26.16 11.75 0.86
C ASP A 223 -25.67 13.04 1.43
N GLN A 224 -24.66 12.89 2.25
CA GLN A 224 -24.19 13.98 3.00
C GLN A 224 -22.69 13.84 2.96
N THR A 225 -22.07 14.85 2.42
CA THR A 225 -20.66 14.96 2.21
C THR A 225 -20.07 16.19 3.02
N GLN A 226 -20.83 17.26 3.15
CA GLN A 226 -20.35 18.32 4.04
C GLN A 226 -20.28 17.90 5.47
N ASP A 227 -19.26 18.43 6.14
CA ASP A 227 -19.08 18.21 7.55
C ASP A 227 -18.77 16.76 7.83
N THR A 228 -18.14 16.07 6.86
CA THR A 228 -17.75 14.69 7.00
C THR A 228 -16.25 14.56 6.85
N GLU A 229 -15.69 13.51 7.39
CA GLU A 229 -14.28 13.32 7.30
C GLU A 229 -14.12 11.81 7.19
N LEU A 230 -13.32 11.39 6.24
CA LEU A 230 -13.21 10.00 5.83
C LEU A 230 -11.73 9.72 5.82
N VAL A 231 -11.21 8.83 6.70
CA VAL A 231 -9.76 8.58 6.69
C VAL A 231 -9.42 7.57 5.62
N GLU A 232 -8.18 7.60 5.16
CA GLU A 232 -7.68 6.59 4.24
C GLU A 232 -7.78 5.23 4.90
N THR A 233 -8.12 4.24 4.11
CA THR A 233 -8.16 2.86 4.57
C THR A 233 -6.71 2.48 4.98
N ARG A 234 -6.58 1.75 6.08
CA ARG A 234 -5.30 1.52 6.72
C ARG A 234 -5.21 0.06 7.12
N PRO A 235 -3.97 -0.48 7.08
CA PRO A 235 -3.80 -1.86 7.44
C PRO A 235 -3.83 -2.03 8.93
N ALA A 236 -4.53 -3.06 9.35
CA ALA A 236 -4.49 -3.45 10.76
C ALA A 236 -3.12 -4.06 11.20
N GLY A 237 -2.36 -4.64 10.27
CA GLY A 237 -1.14 -5.38 10.58
C GLY A 237 -1.31 -6.89 10.64
N ASP A 238 -2.54 -7.37 10.55
CA ASP A 238 -2.84 -8.78 10.64
C ASP A 238 -3.49 -9.30 9.36
N GLY A 239 -3.30 -8.56 8.27
CA GLY A 239 -3.82 -8.78 6.91
C GLY A 239 -5.16 -8.08 6.58
N THR A 240 -5.88 -7.58 7.60
CA THR A 240 -7.16 -6.92 7.41
C THR A 240 -7.01 -5.44 7.43
N PHE A 241 -8.12 -4.73 7.16
CA PHE A 241 -8.07 -3.30 7.02
C PHE A 241 -9.08 -2.60 7.93
N GLN A 242 -8.89 -1.31 8.10
CA GLN A 242 -9.69 -0.48 8.92
C GLN A 242 -9.97 0.82 8.22
N LYS A 243 -11.13 1.38 8.52
CA LYS A 243 -11.47 2.70 8.00
C LYS A 243 -12.53 3.29 8.89
N TRP A 244 -12.58 4.62 8.96
CA TRP A 244 -13.77 5.24 9.48
C TRP A 244 -14.17 6.49 8.75
N ALA A 245 -15.43 6.90 8.94
CA ALA A 245 -16.03 8.10 8.36
C ALA A 245 -16.77 8.81 9.51
N ALA A 246 -16.64 10.12 9.63
CA ALA A 246 -17.25 10.86 10.72
C ALA A 246 -18.13 11.93 10.11
N VAL A 247 -19.18 12.32 10.84
CA VAL A 247 -19.98 13.48 10.48
C VAL A 247 -20.18 14.31 11.73
N VAL A 248 -20.18 15.62 11.56
CA VAL A 248 -20.53 16.46 12.64
C VAL A 248 -22.00 16.81 12.51
N VAL A 249 -22.70 16.84 13.63
CA VAL A 249 -24.13 16.95 13.62
C VAL A 249 -24.54 17.85 14.77
N PRO A 250 -25.68 18.50 14.66
CA PRO A 250 -26.20 19.23 15.83
C PRO A 250 -26.63 18.23 16.89
N SER A 251 -26.16 18.52 18.08
CA SER A 251 -26.46 17.75 19.25
C SER A 251 -27.95 17.58 19.31
N GLY A 252 -28.38 16.35 19.56
CA GLY A 252 -29.77 16.02 19.59
C GLY A 252 -30.33 15.53 18.30
N GLN A 253 -29.64 15.67 17.19
CA GLN A 253 -30.19 15.25 15.89
C GLN A 253 -29.59 14.00 15.33
N GLU A 254 -28.89 13.30 16.22
CA GLU A 254 -28.10 12.13 15.90
C GLU A 254 -28.91 11.13 15.11
N GLN A 255 -30.16 10.99 15.50
CA GLN A 255 -31.04 9.97 14.89
C GLN A 255 -31.29 10.17 13.38
N ARG A 256 -31.07 11.37 12.83
CA ARG A 256 -31.33 11.63 11.42
C ARG A 256 -30.30 11.05 10.53
N TYR A 257 -29.15 10.69 11.09
CA TYR A 257 -27.98 10.35 10.32
C TYR A 257 -27.77 8.84 10.32
N THR A 258 -27.33 8.32 9.20
CA THR A 258 -27.10 6.92 8.98
C THR A 258 -25.85 6.76 8.18
N CYS A 259 -25.02 5.83 8.63
CA CYS A 259 -23.81 5.46 7.93
C CYS A 259 -24.12 4.20 7.12
N HIS A 260 -23.68 4.17 5.88
CA HIS A 260 -23.94 3.03 5.03
C HIS A 260 -22.60 2.42 4.63
N VAL A 261 -22.50 1.11 4.70
CA VAL A 261 -21.22 0.44 4.48
C VAL A 261 -21.35 -0.53 3.37
N GLN A 262 -20.52 -0.42 2.34
CA GLN A 262 -20.53 -1.44 1.27
C GLN A 262 -19.22 -2.12 1.11
N HIS A 263 -19.32 -3.40 0.87
CA HIS A 263 -18.18 -4.23 0.95
C HIS A 263 -18.49 -5.54 0.34
N GLU A 264 -17.49 -6.09 -0.34
CA GLU A 264 -17.58 -7.39 -1.06
C GLU A 264 -18.15 -8.53 -0.20
N GLY A 265 -17.77 -8.51 1.06
CA GLY A 265 -18.26 -9.43 2.08
C GLY A 265 -19.61 -9.22 2.71
N LEU A 266 -20.38 -8.20 2.27
CA LEU A 266 -21.69 -7.89 2.80
C LEU A 266 -22.70 -8.08 1.69
N PRO A 267 -23.50 -9.15 1.75
CA PRO A 267 -24.48 -9.40 0.69
C PRO A 267 -25.40 -8.22 0.28
N LYS A 268 -25.78 -7.42 1.26
CA LYS A 268 -26.37 -6.13 1.02
C LYS A 268 -25.66 -5.16 1.90
N PRO A 269 -25.67 -3.85 1.54
CA PRO A 269 -25.07 -2.91 2.47
C PRO A 269 -25.82 -2.90 3.79
N LEU A 270 -25.11 -2.35 4.74
CA LEU A 270 -25.38 -2.35 6.12
C LEU A 270 -25.64 -0.89 6.40
N THR A 271 -26.56 -0.62 7.31
CA THR A 271 -26.83 0.74 7.78
C THR A 271 -26.61 0.78 9.26
N LEU A 272 -25.95 1.81 9.74
CA LEU A 272 -25.80 2.00 11.17
C LEU A 272 -26.41 3.32 11.53
N ARG A 273 -26.93 3.41 12.75
CA ARG A 273 -27.63 4.59 13.23
C ARG A 273 -27.32 4.72 14.73
N TRP A 274 -27.18 5.94 15.23
CA TRP A 274 -26.84 6.12 16.62
C TRP A 274 -28.08 6.00 17.48
N GLU A 275 -27.83 5.40 18.64
CA GLU A 275 -28.81 5.20 19.70
C GLU A 275 -28.16 4.82 21.06
N PRO A 276 -27.11 3.92 21.11
CA PRO A 276 -26.45 3.00 20.12
C PRO A 276 -26.83 1.48 20.26
N MET B 1 10.86 15.22 -8.01
CA MET B 1 11.46 16.31 -7.13
C MET B 1 10.38 17.24 -6.53
N ILE B 2 9.17 17.07 -7.04
CA ILE B 2 7.98 16.91 -6.18
C ILE B 2 8.44 16.16 -4.93
N GLN B 3 8.39 16.83 -3.78
CA GLN B 3 8.42 16.09 -2.52
C GLN B 3 6.99 16.06 -1.99
N ARG B 4 6.60 14.99 -1.31
CA ARG B 4 5.26 14.90 -0.78
C ARG B 4 5.38 14.56 0.67
N THR B 5 4.72 15.31 1.55
CA THR B 5 4.71 15.03 3.01
C THR B 5 3.96 13.80 3.40
N PRO B 6 4.37 13.18 4.46
CA PRO B 6 3.61 11.94 4.88
C PRO B 6 2.35 12.25 5.66
N LYS B 7 1.26 11.55 5.36
CA LYS B 7 0.09 11.53 6.25
C LYS B 7 0.40 10.45 7.25
N ILE B 8 -0.12 10.58 8.44
CA ILE B 8 0.24 9.73 9.55
C ILE B 8 -1.02 9.33 10.27
N GLN B 9 -1.27 8.03 10.39
CA GLN B 9 -2.25 7.52 11.39
C GLN B 9 -1.60 6.65 12.46
N VAL B 10 -2.06 6.85 13.68
CA VAL B 10 -1.62 6.16 14.86
C VAL B 10 -2.77 5.45 15.53
N TYR B 11 -2.66 4.14 15.71
CA TYR B 11 -3.86 3.39 16.11
C TYR B 11 -3.42 1.99 16.49
N SER B 12 -4.37 1.22 17.01
CA SER B 12 -4.09 -0.13 17.36
C SER B 12 -4.67 -1.11 16.38
N ARG B 13 -4.07 -2.29 16.37
CA ARG B 13 -4.47 -3.35 15.51
C ARG B 13 -5.81 -3.85 15.95
N HIS B 14 -5.98 -4.07 17.23
CA HIS B 14 -7.22 -4.43 17.81
C HIS B 14 -7.79 -3.36 18.71
N PRO B 15 -9.11 -3.40 18.92
CA PRO B 15 -9.77 -2.53 19.87
C PRO B 15 -9.02 -2.57 21.19
N ALA B 16 -8.81 -1.41 21.77
CA ALA B 16 -7.76 -1.23 22.68
C ALA B 16 -8.37 -1.48 24.05
N GLU B 17 -7.79 -2.39 24.80
CA GLU B 17 -8.25 -2.61 26.16
C GLU B 17 -7.03 -2.72 27.05
N ASN B 18 -7.11 -2.12 28.22
CA ASN B 18 -6.05 -2.20 29.23
C ASN B 18 -5.71 -3.60 29.70
N GLY B 19 -4.44 -3.87 29.87
CA GLY B 19 -3.95 -5.18 30.17
C GLY B 19 -4.08 -6.23 29.07
N LYS B 20 -4.52 -5.90 27.87
CA LYS B 20 -4.57 -6.91 26.84
C LYS B 20 -3.57 -6.62 25.77
N SER B 21 -2.68 -7.58 25.54
CA SER B 21 -1.66 -7.45 24.49
C SER B 21 -2.29 -7.12 23.11
N ASN B 22 -1.60 -6.29 22.36
CA ASN B 22 -2.15 -5.62 21.17
C ASN B 22 -0.95 -5.16 20.29
N PHE B 23 -1.19 -4.42 19.24
CA PHE B 23 -0.11 -3.80 18.50
C PHE B 23 -0.45 -2.33 18.20
N LEU B 24 0.54 -1.47 18.40
CA LEU B 24 0.45 -0.05 18.19
C LEU B 24 1.05 0.16 16.82
N ASN B 25 0.29 0.79 15.99
CA ASN B 25 0.63 0.99 14.60
C ASN B 25 0.88 2.45 14.34
N CYS B 26 1.82 2.71 13.45
CA CYS B 26 1.96 4.02 12.85
C CYS B 26 2.03 3.87 11.35
N TYR B 27 1.05 4.40 10.67
CA TYR B 27 0.86 4.15 9.27
C TYR B 27 1.19 5.52 8.64
N VAL B 28 2.22 5.46 7.80
CA VAL B 28 2.78 6.61 7.11
C VAL B 28 2.61 6.39 5.62
N SER B 29 1.96 7.34 4.99
CA SER B 29 1.65 7.27 3.59
C SER B 29 1.71 8.62 2.87
N GLY B 30 1.72 8.53 1.54
CA GLY B 30 1.63 9.71 0.71
C GLY B 30 2.92 10.50 0.63
N PHE B 31 4.04 9.88 1.02
CA PHE B 31 5.28 10.62 1.07
C PHE B 31 6.17 10.25 -0.10
N HIS B 32 7.07 11.14 -0.37
CA HIS B 32 8.09 10.96 -1.42
C HIS B 32 9.11 12.02 -1.16
N PRO B 33 10.42 11.72 -1.16
CA PRO B 33 11.03 10.39 -1.44
C PRO B 33 10.83 9.43 -0.24
N SER B 34 11.37 8.20 -0.38
CA SER B 34 11.12 7.09 0.48
C SER B 34 11.85 7.15 1.79
N ASP B 35 12.94 7.88 1.88
CA ASP B 35 13.63 7.89 3.15
C ASP B 35 12.73 8.58 4.19
N ILE B 36 12.57 7.96 5.33
CA ILE B 36 11.74 8.52 6.39
C ILE B 36 12.18 7.90 7.70
N GLU B 37 12.03 8.61 8.80
CA GLU B 37 12.30 8.05 10.13
C GLU B 37 11.01 8.14 10.93
N VAL B 38 10.59 7.01 11.48
CA VAL B 38 9.35 6.86 12.24
C VAL B 38 9.75 6.24 13.57
N ASP B 39 9.44 6.91 14.67
CA ASP B 39 9.58 6.34 15.98
C ASP B 39 8.22 6.23 16.66
N LEU B 40 8.02 5.15 17.40
CA LEU B 40 6.86 5.04 18.23
C LEU B 40 7.32 5.43 19.61
N LEU B 41 6.56 6.31 20.25
CA LEU B 41 6.86 6.79 21.55
C LEU B 41 5.92 6.27 22.60
N LYS B 42 6.50 6.04 23.78
CA LYS B 42 5.81 5.66 24.97
C LYS B 42 6.20 6.67 26.03
N ASN B 43 5.20 7.42 26.48
CA ASN B 43 5.41 8.53 27.41
C ASN B 43 6.63 9.35 27.01
N GLY B 44 6.64 9.75 25.75
CA GLY B 44 7.68 10.58 25.24
C GLY B 44 9.01 9.96 24.91
N GLU B 45 9.23 8.67 25.22
CA GLU B 45 10.52 7.99 25.03
C GLU B 45 10.42 7.03 23.83
N ARG B 46 11.45 6.98 22.99
CA ARG B 46 11.49 6.02 21.87
C ARG B 46 11.35 4.57 22.33
N ILE B 47 10.37 3.88 21.77
CA ILE B 47 10.26 2.44 21.89
C ILE B 47 11.29 1.81 20.95
N GLU B 48 12.10 0.91 21.48
CA GLU B 48 13.22 0.29 20.72
C GLU B 48 12.80 -0.81 19.69
N LYS B 49 11.70 -1.46 19.93
CA LYS B 49 11.51 -2.77 19.40
C LYS B 49 10.62 -2.74 18.15
N VAL B 50 10.78 -1.73 17.27
CA VAL B 50 9.71 -1.41 16.27
C VAL B 50 9.98 -2.02 14.89
N GLU B 51 8.98 -2.62 14.30
CA GLU B 51 9.13 -3.29 13.03
C GLU B 51 8.36 -2.50 12.01
N HIS B 52 8.60 -2.77 10.75
CA HIS B 52 7.88 -2.03 9.73
C HIS B 52 7.70 -2.91 8.51
N SER B 53 6.68 -2.56 7.74
CA SER B 53 6.35 -3.28 6.56
C SER B 53 7.38 -3.01 5.47
N ASP B 54 7.26 -3.79 4.40
CA ASP B 54 8.13 -3.67 3.25
C ASP B 54 7.64 -2.51 2.40
N LEU B 55 8.55 -1.65 2.02
CA LEU B 55 8.16 -0.44 1.30
C LEU B 55 7.41 -0.76 0.03
N SER B 56 6.29 -0.08 -0.10
CA SER B 56 5.45 -0.11 -1.30
C SER B 56 4.91 1.27 -1.54
N PHE B 57 4.17 1.39 -2.62
CA PHE B 57 3.67 2.66 -3.05
C PHE B 57 2.33 2.55 -3.76
N SER B 58 1.63 3.68 -3.82
CA SER B 58 0.33 3.78 -4.41
C SER B 58 0.45 4.12 -5.89
N LYS B 59 -0.68 4.23 -6.55
CA LYS B 59 -0.79 4.46 -7.97
C LYS B 59 -0.25 5.86 -8.35
N ASP B 60 -0.33 6.81 -7.42
CA ASP B 60 0.29 8.08 -7.64
C ASP B 60 1.80 8.10 -7.34
N TRP B 61 2.40 6.95 -7.05
CA TRP B 61 3.77 6.73 -6.75
C TRP B 61 4.23 7.12 -5.38
N SER B 62 3.35 7.61 -4.54
CA SER B 62 3.71 7.96 -3.20
C SER B 62 3.80 6.67 -2.32
N PHE B 63 4.73 6.71 -1.38
CA PHE B 63 5.11 5.54 -0.62
C PHE B 63 4.25 5.40 0.61
N TYR B 64 4.16 4.17 1.12
CA TYR B 64 3.54 3.96 2.44
C TYR B 64 4.27 2.88 3.18
N LEU B 65 4.26 2.99 4.49
CA LEU B 65 4.85 2.00 5.35
C LEU B 65 4.05 1.85 6.59
N LEU B 66 4.02 0.67 7.16
CA LEU B 66 3.43 0.52 8.49
C LEU B 66 4.53 0.20 9.51
N TYR B 67 4.64 0.99 10.59
CA TYR B 67 5.54 0.73 11.73
C TYR B 67 4.66 0.15 12.83
N TYR B 68 5.17 -0.83 13.56
CA TYR B 68 4.30 -1.46 14.56
C TYR B 68 5.12 -2.05 15.61
N THR B 69 4.53 -2.14 16.79
CA THR B 69 5.17 -2.80 17.90
C THR B 69 4.12 -3.38 18.79
N GLU B 70 4.42 -4.51 19.40
CA GLU B 70 3.55 -5.14 20.38
C GLU B 70 3.53 -4.29 21.62
N PHE B 71 2.35 -4.16 22.21
CA PHE B 71 2.22 -3.50 23.46
C PHE B 71 0.99 -3.97 24.19
N THR B 72 1.05 -3.77 25.49
CA THR B 72 -0.09 -3.92 26.36
C THR B 72 -0.45 -2.53 26.87
N PRO B 73 -1.49 -1.92 26.33
CA PRO B 73 -1.98 -0.67 26.87
C PRO B 73 -2.31 -0.74 28.34
N THR B 74 -2.21 0.41 29.00
CA THR B 74 -2.69 0.63 30.31
C THR B 74 -3.39 1.99 30.38
N GLU B 75 -4.01 2.30 31.53
CA GLU B 75 -4.77 3.54 31.60
C GLU B 75 -3.91 4.81 31.54
N LYS B 76 -2.71 4.78 32.11
CA LYS B 76 -1.90 6.02 32.19
C LYS B 76 -0.77 6.16 31.10
N ASP B 77 -0.39 5.09 30.41
CA ASP B 77 0.64 5.17 29.38
C ASP B 77 0.09 5.89 28.16
N GLU B 78 0.75 6.98 27.77
CA GLU B 78 0.51 7.71 26.51
C GLU B 78 1.46 7.26 25.38
N TYR B 79 0.90 7.12 24.18
CA TYR B 79 1.64 6.62 23.04
C TYR B 79 1.53 7.61 21.93
N ALA B 80 2.50 7.60 21.01
CA ALA B 80 2.55 8.61 19.97
C ALA B 80 3.44 8.11 18.84
N CYS B 81 3.30 8.69 17.66
CA CYS B 81 4.19 8.35 16.53
C CYS B 81 5.00 9.61 16.19
N ARG B 82 6.34 9.51 16.01
CA ARG B 82 7.20 10.68 15.69
C ARG B 82 7.79 10.50 14.31
N VAL B 83 7.53 11.43 13.40
CA VAL B 83 7.96 11.19 12.03
C VAL B 83 8.84 12.30 11.52
N ASN B 84 9.93 11.93 10.86
CA ASN B 84 10.76 12.95 10.21
C ASN B 84 11.00 12.57 8.75
N HIS B 85 11.01 13.57 7.91
CA HIS B 85 11.09 13.43 6.47
C HIS B 85 11.60 14.76 5.92
N VAL B 86 12.30 14.79 4.78
CA VAL B 86 12.83 16.02 4.20
C VAL B 86 11.81 17.12 4.10
N THR B 87 10.58 16.76 3.82
CA THR B 87 9.51 17.73 3.73
C THR B 87 9.11 18.40 5.02
N LEU B 88 9.59 17.92 6.16
CA LEU B 88 9.21 18.44 7.47
C LEU B 88 10.38 19.19 8.08
N SER B 89 10.17 20.41 8.51
CA SER B 89 11.27 21.20 9.13
C SER B 89 11.58 20.77 10.59
N GLN B 90 10.61 20.20 11.29
CA GLN B 90 10.87 19.41 12.51
C GLN B 90 10.04 18.15 12.57
N PRO B 91 10.40 17.24 13.49
CA PRO B 91 9.57 16.06 13.68
C PRO B 91 8.08 16.37 13.88
N LYS B 92 7.23 15.66 13.15
CA LYS B 92 5.78 15.62 13.39
C LYS B 92 5.43 14.45 14.36
N ILE B 93 4.63 14.74 15.37
CA ILE B 93 4.29 13.84 16.48
C ILE B 93 2.80 13.76 16.50
N VAL B 94 2.27 12.56 16.35
CA VAL B 94 0.82 12.33 16.39
C VAL B 94 0.53 11.43 17.59
N LYS B 95 -0.33 11.87 18.50
CA LYS B 95 -0.69 11.06 19.63
C LYS B 95 -1.67 9.93 19.28
N TRP B 96 -1.50 8.80 19.95
CA TRP B 96 -2.49 7.75 19.84
C TRP B 96 -3.70 8.22 20.65
N ASP B 97 -4.84 8.32 20.00
CA ASP B 97 -6.12 8.75 20.61
C ASP B 97 -6.99 7.52 20.51
N ARG B 98 -7.09 6.76 21.59
CA ARG B 98 -7.82 5.50 21.45
C ARG B 98 -9.28 5.83 21.25
N ASP B 99 -9.83 6.52 22.26
CA ASP B 99 -11.25 6.92 22.32
C ASP B 99 -11.83 7.81 21.18
N MET B 100 -11.64 7.38 19.92
CA MET B 100 -12.34 7.91 18.75
C MET B 100 -13.44 6.92 18.34
N TYR C 1 4.59 -14.70 -9.52
CA TYR C 1 5.63 -15.18 -10.53
C TYR C 1 6.06 -14.02 -11.36
N LEU C 2 7.32 -13.58 -11.16
CA LEU C 2 7.85 -12.40 -11.85
C LEU C 2 7.90 -12.59 -13.35
N GLU C 3 7.92 -11.45 -14.06
CA GLU C 3 8.17 -11.43 -15.46
C GLU C 3 9.66 -11.77 -15.67
N PRO C 4 10.01 -12.30 -16.84
CA PRO C 4 11.35 -12.84 -17.01
C PRO C 4 12.51 -11.90 -16.84
N GLY C 5 12.32 -10.61 -17.04
CA GLY C 5 13.53 -9.82 -17.12
C GLY C 5 13.28 -8.51 -17.78
N PRO C 6 13.21 -7.46 -16.98
CA PRO C 6 13.01 -6.17 -17.57
C PRO C 6 14.11 -5.78 -18.49
N VAL C 7 13.78 -4.99 -19.51
CA VAL C 7 14.73 -4.50 -20.50
C VAL C 7 15.08 -3.12 -20.01
N THR C 8 16.33 -2.75 -20.16
CA THR C 8 16.80 -1.44 -19.68
C THR C 8 16.13 -0.32 -20.46
N ALA C 9 15.93 0.80 -19.78
CA ALA C 9 15.39 2.03 -20.37
C ALA C 9 16.35 2.82 -21.30
#